data_5ML0
#
_entry.id   5ML0
#
_cell.length_a   93.481
_cell.length_b   93.481
_cell.length_c   32.783
_cell.angle_alpha   90.00
_cell.angle_beta   90.00
_cell.angle_gamma   120.00
#
_symmetry.space_group_name_H-M   'H 3'
#
loop_
_entity.id
_entity.type
_entity.pdbx_description
1 polymer 'Histone acetyltransferase KAT2B'
2 non-polymer 4-chlorol-2-methyl-5-[[(3~{R})-1-methylpiperidin-3-yl]amino]pyridazin-3-one
3 non-polymer 1,2-ETHANEDIOL
4 water water
#
_entity_poly.entity_id   1
_entity_poly.type   'polypeptide(L)'
_entity_poly.pdbx_seq_one_letter_code
;SDPEQLYSTLKNILQQVKNHPNAWPFMEPVKRTEAPGYYEVIRFPMDLKTMSERLRNRYYVSKKLFMADLQRVFTNCKEY
NPPESEYYKCASILEKFFFSKIKEAGLIDK
;
_entity_poly.pdbx_strand_id   A
#
loop_
_chem_comp.id
_chem_comp.type
_chem_comp.name
_chem_comp.formula
EDO non-polymer 1,2-ETHANEDIOL 'C2 H6 O2'
P2L non-polymer 4-chlorol-2-methyl-5-[[(3~{R})-1-methylpiperidin-3-yl]amino]pyridazin-3-one 'C11 H17 Cl N4 O'
#
# COMPACT_ATOMS: atom_id res chain seq x y z
N PRO A 3 10.74 19.58 -1.72
CA PRO A 3 10.56 18.30 -2.42
C PRO A 3 11.48 17.20 -1.92
N GLU A 4 12.76 17.53 -1.71
CA GLU A 4 13.76 16.55 -1.32
C GLU A 4 13.47 15.92 0.03
N GLN A 5 12.95 16.71 0.98
CA GLN A 5 12.55 16.18 2.29
C GLN A 5 11.36 15.22 2.16
N LEU A 6 10.36 15.61 1.37
CA LEU A 6 9.17 14.77 1.15
C LEU A 6 9.55 13.44 0.48
N TYR A 7 10.27 13.54 -0.64
CA TYR A 7 10.71 12.37 -1.40
C TYR A 7 11.54 11.42 -0.54
N SER A 8 12.38 11.98 0.33
CA SER A 8 13.16 11.19 1.30
C SER A 8 12.26 10.43 2.26
N THR A 9 11.26 11.12 2.80
CA THR A 9 10.33 10.53 3.76
C THR A 9 9.51 9.41 3.11
N LEU A 10 8.94 9.68 1.93
CA LEU A 10 8.12 8.70 1.22
C LEU A 10 8.92 7.44 0.81
N LYS A 11 10.15 7.65 0.35
CA LYS A 11 11.04 6.53 0.02
C LYS A 11 11.28 5.62 1.24
N ASN A 12 11.62 6.21 2.38
CA ASN A 12 11.84 5.43 3.60
C ASN A 12 10.58 4.66 4.01
N ILE A 13 9.42 5.31 3.90
CA ILE A 13 8.16 4.67 4.27
C ILE A 13 7.91 3.44 3.39
N LEU A 14 8.02 3.61 2.08
CA LEU A 14 7.73 2.51 1.16
C LEU A 14 8.74 1.37 1.33
N GLN A 15 10.00 1.73 1.60
CA GLN A 15 11.03 0.75 1.91
C GLN A 15 10.71 -0.11 3.10
N GLN A 16 10.34 0.51 4.21
CA GLN A 16 9.99 -0.23 5.42
C GLN A 16 8.75 -1.10 5.16
N VAL A 17 7.76 -0.55 4.46
CA VAL A 17 6.54 -1.30 4.18
C VAL A 17 6.82 -2.52 3.30
N LYS A 18 7.57 -2.36 2.22
CA LYS A 18 7.80 -3.46 1.26
C LYS A 18 8.69 -4.57 1.81
N ASN A 19 9.50 -4.24 2.82
CA ASN A 19 10.38 -5.22 3.45
C ASN A 19 9.77 -5.88 4.68
N HIS A 20 8.56 -5.45 5.06
CA HIS A 20 7.85 -6.00 6.23
C HIS A 20 7.46 -7.47 5.95
N PRO A 21 7.54 -8.33 6.99
CA PRO A 21 7.23 -9.75 6.75
C PRO A 21 5.81 -10.05 6.22
N ASN A 22 4.87 -9.15 6.48
CA ASN A 22 3.51 -9.29 6.00
C ASN A 22 3.24 -8.58 4.67
N ALA A 23 4.30 -8.09 4.02
CA ALA A 23 4.16 -7.41 2.73
C ALA A 23 4.04 -8.35 1.53
N TRP A 24 4.36 -9.63 1.73
CA TRP A 24 4.49 -10.55 0.60
C TRP A 24 3.26 -10.68 -0.32
N PRO A 25 2.02 -10.60 0.23
CA PRO A 25 0.89 -10.67 -0.70
C PRO A 25 0.76 -9.49 -1.67
N PHE A 26 1.45 -8.38 -1.39
CA PHE A 26 1.20 -7.10 -2.06
C PHE A 26 2.36 -6.65 -2.96
N MET A 27 3.32 -7.53 -3.18
CA MET A 27 4.53 -7.15 -3.89
C MET A 27 4.32 -7.04 -5.40
N GLU A 28 3.36 -7.79 -5.93
CA GLU A 28 3.04 -7.76 -7.35
C GLU A 28 1.54 -7.59 -7.54
N PRO A 29 1.11 -7.10 -8.72
CA PRO A 29 -0.33 -6.98 -8.93
C PRO A 29 -1.06 -8.33 -8.91
N VAL A 30 -2.28 -8.30 -8.41
CA VAL A 30 -3.13 -9.49 -8.38
C VAL A 30 -3.28 -9.99 -9.81
N LYS A 31 -3.16 -11.31 -10.00
CA LYS A 31 -3.32 -11.95 -11.30
C LYS A 31 -4.77 -12.37 -11.47
N ARG A 32 -5.31 -12.15 -12.67
CA ARG A 32 -6.66 -12.58 -13.00
C ARG A 32 -6.85 -14.06 -12.73
N THR A 33 -5.86 -14.86 -13.13
CA THR A 33 -5.94 -16.32 -12.95
C THR A 33 -5.98 -16.75 -11.48
N GLU A 34 -5.38 -15.97 -10.58
CA GLU A 34 -5.40 -16.34 -9.16
C GLU A 34 -6.66 -15.84 -8.43
N ALA A 35 -7.35 -14.84 -8.99
CA ALA A 35 -8.55 -14.30 -8.36
C ALA A 35 -9.60 -13.96 -9.42
N PRO A 36 -10.22 -14.99 -10.03
CA PRO A 36 -11.21 -14.72 -11.07
C PRO A 36 -12.25 -13.66 -10.66
N GLY A 37 -12.42 -12.63 -11.50
CA GLY A 37 -13.37 -11.55 -11.22
C GLY A 37 -12.85 -10.37 -10.41
N TYR A 38 -11.63 -10.48 -9.90
CA TYR A 38 -11.03 -9.42 -9.08
C TYR A 38 -11.08 -8.06 -9.77
N TYR A 39 -10.75 -8.03 -11.06
CA TYR A 39 -10.68 -6.76 -11.79
C TYR A 39 -12.05 -6.24 -12.24
N GLU A 40 -13.11 -7.01 -11.97
CA GLU A 40 -14.48 -6.49 -12.10
C GLU A 40 -14.93 -5.81 -10.81
N VAL A 41 -14.71 -6.48 -9.68
CA VAL A 41 -15.24 -6.02 -8.38
C VAL A 41 -14.33 -5.03 -7.64
N ILE A 42 -13.02 -5.12 -7.84
CA ILE A 42 -12.08 -4.12 -7.32
C ILE A 42 -11.77 -3.11 -8.43
N ARG A 43 -12.30 -1.91 -8.28
CA ARG A 43 -12.27 -0.91 -9.35
C ARG A 43 -10.91 -0.23 -9.50
N PHE A 44 -10.13 -0.16 -8.43
CA PHE A 44 -8.80 0.44 -8.52
C PHE A 44 -7.74 -0.33 -7.77
N PRO A 45 -7.23 -1.39 -8.43
CA PRO A 45 -6.16 -2.23 -7.91
C PRO A 45 -4.91 -1.42 -7.64
N MET A 46 -4.17 -1.83 -6.62
CA MET A 46 -2.88 -1.26 -6.34
C MET A 46 -2.00 -2.31 -5.69
N ASP A 47 -0.69 -2.15 -5.88
CA ASP A 47 0.29 -3.05 -5.31
C ASP A 47 1.59 -2.29 -5.12
N LEU A 48 2.54 -2.90 -4.41
CA LEU A 48 3.76 -2.21 -4.01
C LEU A 48 4.77 -2.04 -5.15
N LYS A 49 4.73 -2.91 -6.15
CA LYS A 49 5.61 -2.75 -7.32
C LYS A 49 5.18 -1.51 -8.09
N THR A 50 3.88 -1.38 -8.30
CA THR A 50 3.31 -0.23 -8.98
C THR A 50 3.63 1.06 -8.23
N MET A 51 3.54 1.01 -6.90
CA MET A 51 3.85 2.19 -6.08
C MET A 51 5.32 2.57 -6.17
N SER A 52 6.20 1.57 -6.20
CA SER A 52 7.63 1.83 -6.34
C SER A 52 7.94 2.48 -7.69
N GLU A 53 7.26 2.01 -8.73
CA GLU A 53 7.41 2.56 -10.07
C GLU A 53 6.97 4.02 -10.11
N ARG A 54 5.80 4.30 -9.53
CA ARG A 54 5.27 5.66 -9.45
C ARG A 54 6.17 6.59 -8.64
N LEU A 55 6.67 6.09 -7.50
CA LEU A 55 7.56 6.88 -6.65
C LEU A 55 8.86 7.21 -7.37
N ARG A 56 9.46 6.21 -8.00
CA ARG A 56 10.72 6.37 -8.74
C ARG A 56 10.57 7.36 -9.91
N ASN A 57 9.41 7.33 -10.54
CA ASN A 57 9.08 8.28 -11.61
C ASN A 57 8.75 9.70 -11.14
N ARG A 58 8.87 9.95 -9.83
CA ARG A 58 8.59 11.26 -9.22
C ARG A 58 7.16 11.73 -9.44
N TYR A 59 6.23 10.78 -9.48
CA TYR A 59 4.82 11.09 -9.70
C TYR A 59 4.13 11.54 -8.40
N TYR A 60 4.72 11.24 -7.24
CA TYR A 60 4.14 11.61 -5.94
C TYR A 60 4.70 12.93 -5.40
N VAL A 61 4.33 14.05 -6.02
CA VAL A 61 4.82 15.37 -5.55
C VAL A 61 4.12 15.86 -4.29
N SER A 62 3.06 15.16 -3.87
CA SER A 62 2.40 15.40 -2.59
C SER A 62 2.34 14.09 -1.82
N LYS A 63 2.29 14.20 -0.49
CA LYS A 63 2.13 13.05 0.39
C LYS A 63 0.78 12.37 0.19
N LYS A 64 -0.22 13.14 -0.22
CA LYS A 64 -1.62 12.69 -0.22
C LYS A 64 -1.88 11.54 -1.21
N LEU A 65 -1.29 11.64 -2.40
CA LEU A 65 -1.42 10.60 -3.43
C LEU A 65 -0.79 9.30 -2.97
N PHE A 66 0.41 9.42 -2.40
CA PHE A 66 1.18 8.29 -1.89
C PHE A 66 0.40 7.58 -0.80
N MET A 67 -0.11 8.34 0.16
CA MET A 67 -0.86 7.76 1.27
C MET A 67 -2.13 7.06 0.78
N ALA A 68 -2.81 7.68 -0.19
CA ALA A 68 -4.06 7.12 -0.73
C ALA A 68 -3.81 5.80 -1.47
N ASP A 69 -2.78 5.78 -2.32
CA ASP A 69 -2.40 4.57 -3.06
C ASP A 69 -2.04 3.44 -2.11
N LEU A 70 -1.21 3.74 -1.11
CA LEU A 70 -0.76 2.70 -0.19
C LEU A 70 -1.92 2.19 0.65
N GLN A 71 -2.75 3.10 1.16
CA GLN A 71 -3.96 2.70 1.89
C GLN A 71 -4.85 1.79 1.05
N ARG A 72 -4.98 2.09 -0.25
N ARG A 72 -4.97 2.11 -0.24
CA ARG A 72 -5.85 1.31 -1.12
CA ARG A 72 -5.77 1.37 -1.21
C ARG A 72 -5.36 -0.13 -1.31
C ARG A 72 -5.34 -0.10 -1.33
N VAL A 73 -4.04 -0.35 -1.23
CA VAL A 73 -3.51 -1.72 -1.27
C VAL A 73 -4.22 -2.55 -0.21
N PHE A 74 -4.29 -1.99 1.00
CA PHE A 74 -4.83 -2.73 2.15
C PHE A 74 -6.36 -2.77 2.13
N THR A 75 -7.01 -1.66 1.80
CA THR A 75 -8.47 -1.63 1.78
C THR A 75 -9.02 -2.55 0.67
N ASN A 76 -8.39 -2.56 -0.50
CA ASN A 76 -8.79 -3.51 -1.54
C ASN A 76 -8.77 -4.93 -1.00
N CYS A 77 -7.67 -5.27 -0.34
CA CYS A 77 -7.48 -6.62 0.19
C CYS A 77 -8.55 -6.97 1.22
N LYS A 78 -8.84 -6.01 2.10
CA LYS A 78 -9.77 -6.24 3.21
C LYS A 78 -11.25 -6.16 2.76
N GLU A 79 -11.49 -5.62 1.57
CA GLU A 79 -12.83 -5.62 0.99
C GLU A 79 -13.08 -6.89 0.20
N TYR A 80 -12.07 -7.37 -0.50
CA TYR A 80 -12.21 -8.56 -1.35
C TYR A 80 -12.19 -9.88 -0.58
N ASN A 81 -11.25 -10.02 0.35
CA ASN A 81 -10.97 -11.31 0.99
C ASN A 81 -11.74 -11.54 2.28
N PRO A 82 -12.00 -12.82 2.61
CA PRO A 82 -12.60 -13.16 3.89
C PRO A 82 -11.70 -12.72 5.06
N PRO A 83 -12.30 -12.22 6.16
CA PRO A 83 -11.55 -11.83 7.35
C PRO A 83 -10.62 -12.91 7.90
N GLU A 84 -10.98 -14.18 7.74
CA GLU A 84 -10.12 -15.26 8.23
C GLU A 84 -9.02 -15.68 7.25
N SER A 85 -8.91 -15.00 6.11
CA SER A 85 -7.89 -15.34 5.13
C SER A 85 -6.53 -14.73 5.50
N GLU A 86 -5.46 -15.43 5.11
CA GLU A 86 -4.11 -14.94 5.36
C GLU A 86 -3.85 -13.58 4.69
N TYR A 87 -4.36 -13.39 3.48
CA TYR A 87 -4.20 -12.09 2.81
C TYR A 87 -4.80 -10.95 3.65
N TYR A 88 -6.03 -11.14 4.10
CA TYR A 88 -6.71 -10.15 4.94
C TYR A 88 -5.89 -9.85 6.19
N LYS A 89 -5.43 -10.91 6.85
CA LYS A 89 -4.68 -10.76 8.09
C LYS A 89 -3.39 -9.98 7.86
N CYS A 90 -2.69 -10.29 6.77
CA CYS A 90 -1.49 -9.56 6.38
C CYS A 90 -1.78 -8.08 6.14
N ALA A 91 -2.86 -7.82 5.42
CA ALA A 91 -3.29 -6.46 5.11
C ALA A 91 -3.52 -5.65 6.40
N SER A 92 -4.21 -6.27 7.37
CA SER A 92 -4.50 -5.61 8.66
C SER A 92 -3.22 -5.25 9.42
N ILE A 93 -2.29 -6.20 9.48
CA ILE A 93 -1.02 -5.99 10.17
C ILE A 93 -0.21 -4.90 9.48
N LEU A 94 -0.09 -5.00 8.16
CA LEU A 94 0.74 -4.06 7.43
C LEU A 94 0.13 -2.65 7.39
N GLU A 95 -1.20 -2.59 7.39
CA GLU A 95 -1.93 -1.33 7.44
C GLU A 95 -1.63 -0.57 8.73
N LYS A 96 -1.59 -1.30 9.84
CA LYS A 96 -1.23 -0.73 11.14
C LYS A 96 0.22 -0.23 11.14
N PHE A 97 1.12 -1.00 10.53
CA PHE A 97 2.51 -0.59 10.40
C PHE A 97 2.61 0.71 9.59
N PHE A 98 1.93 0.73 8.44
CA PHE A 98 1.80 1.92 7.61
C PHE A 98 1.33 3.13 8.42
N PHE A 99 0.25 2.98 9.18
CA PHE A 99 -0.30 4.08 10.02
C PHE A 99 0.73 4.60 11.02
N SER A 100 1.45 3.68 11.67
N SER A 100 1.44 3.68 11.67
CA SER A 100 2.49 4.05 12.61
CA SER A 100 2.51 4.04 12.60
C SER A 100 3.62 4.83 11.91
C SER A 100 3.61 4.83 11.91
N LYS A 101 3.99 4.41 10.70
CA LYS A 101 5.03 5.10 9.93
C LYS A 101 4.63 6.52 9.51
N ILE A 102 3.38 6.71 9.06
CA ILE A 102 2.93 8.05 8.66
C ILE A 102 2.74 8.98 9.87
N LYS A 103 2.28 8.44 11.00
CA LYS A 103 2.15 9.22 12.24
C LYS A 103 3.53 9.61 12.76
N GLU A 104 4.45 8.67 12.72
CA GLU A 104 5.86 8.90 13.05
C GLU A 104 6.46 10.06 12.25
N ALA A 105 6.11 10.16 10.97
CA ALA A 105 6.65 11.17 10.07
C ALA A 105 5.90 12.50 10.11
N GLY A 106 4.84 12.59 10.92
CA GLY A 106 4.05 13.82 11.05
C GLY A 106 3.19 14.14 9.85
N LEU A 107 2.74 13.11 9.14
CA LEU A 107 2.03 13.29 7.87
C LEU A 107 0.50 13.29 8.00
N ILE A 108 -0.03 13.03 9.19
CA ILE A 108 -1.47 13.07 9.40
C ILE A 108 -1.94 14.52 9.43
N ASP A 109 -3.15 14.76 8.91
CA ASP A 109 -3.72 16.10 8.80
C ASP A 109 -3.74 16.84 10.14
N LYS A 110 -3.22 18.07 10.15
CA LYS A 110 -3.26 18.94 11.32
C LYS A 110 -4.61 19.65 11.38
C15 P2L B . -1.03 -12.52 -4.30
C17 P2L B . -0.52 -11.86 -5.55
C22 P2L B . -3.21 -11.49 -3.61
C01 P2L B . 0.67 -12.23 -7.62
N05 P2L B . 0.24 -12.83 -6.34
C06 P2L B . 1.41 -13.28 -5.57
C09 P2L B . 0.98 -13.97 -4.31
C12 P2L B . 0.11 -13.05 -3.47
N20 P2L B . -1.87 -11.57 -3.56
C23 P2L B . -3.96 -12.34 -4.51
N25 P2L B . -5.24 -12.33 -4.62
N26 P2L B . -5.95 -11.46 -3.84
C27 P2L B . -7.40 -11.52 -4.02
C31 P2L B . -5.41 -10.58 -2.94
O32 P2L B . -6.13 -9.83 -2.29
C33 P2L B . -3.97 -10.62 -2.86
CL1 P2L B . -3.23 -9.52 -1.76
C1 EDO C . 10.51 9.79 11.91
O1 EDO C . 10.04 10.37 10.69
C2 EDO C . 11.07 10.82 12.88
O2 EDO C . 10.38 10.85 14.13
C1 EDO D . -13.08 -5.87 -15.77
O1 EDO D . -12.45 -4.60 -15.63
C2 EDO D . -12.04 -6.94 -16.04
O2 EDO D . -12.53 -8.25 -15.74
#